data_9L2H
#
_entry.id   9L2H
#
_cell.length_a   78.722
_cell.length_b   78.722
_cell.length_c   91.659
_cell.angle_alpha   90.00
_cell.angle_beta   90.00
_cell.angle_gamma   120.00
#
_symmetry.space_group_name_H-M   'P 32 2 1'
#
loop_
_entity.id
_entity.type
_entity.pdbx_description
1 polymer 'Cellulose-binding GDSL lipase/acylhydrolase'
2 non-polymer GLYCEROL
3 non-polymer 'DIETHYL HYDROGEN PHOSPHATE'
4 water water
#
_entity_poly.entity_id   1
_entity_poly.type   'polypeptide(L)'
_entity_poly.pdbx_seq_one_letter_code
;MTGIPTVTARPWTQRPRAENSTTNPTYFFTFGDSYSQTGFSASGTQPSASNPMGNPDLGIGTTTNGPNWIGYLTTTENAS
LVLSYNLAAGGATIDNALVPAYPGDLASQFRLFEDVYADKPASAPWSAEDAVFGVWIGINDIGNAYYSTDAETYTPKLIS
RLESLVEEVYKNGGRKFLFLNVPPTSRSPLFLEQGEEVVKQHAEYLSVYNENLEGMVDDFTKKKGDVTTVLYDSWSFMTK
ILDDPTAYGFPDATCINDDGTSCIWWDNYHPGMKYHLLQAEDMKPKLRKLGGW
;
_entity_poly.pdbx_strand_id   A
#
# COMPACT_ATOMS: atom_id res chain seq x y z
N ASN A 24 -12.67 7.23 -20.54
CA ASN A 24 -11.24 6.90 -20.57
C ASN A 24 -10.71 6.67 -19.17
N PRO A 25 -11.02 5.52 -18.61
CA PRO A 25 -10.67 5.26 -17.21
C PRO A 25 -9.20 4.96 -17.03
N THR A 26 -8.77 5.15 -15.78
CA THR A 26 -7.54 4.61 -15.25
C THR A 26 -7.88 3.34 -14.49
N TYR A 27 -7.22 2.23 -14.84
CA TYR A 27 -7.41 0.97 -14.13
C TYR A 27 -6.38 0.92 -13.02
N PHE A 28 -6.83 0.98 -11.78
CA PHE A 28 -5.94 1.12 -10.61
C PHE A 28 -5.94 -0.21 -9.89
N PHE A 29 -4.92 -1.02 -10.15
CA PHE A 29 -4.78 -2.34 -9.51
C PHE A 29 -3.90 -2.17 -8.29
N THR A 30 -4.39 -2.55 -7.10
CA THR A 30 -3.62 -2.30 -5.89
C THR A 30 -3.40 -3.61 -5.16
N PHE A 31 -2.24 -3.66 -4.48
CA PHE A 31 -1.72 -4.84 -3.82
C PHE A 31 -1.19 -4.38 -2.48
N GLY A 32 -1.43 -5.18 -1.42
CA GLY A 32 -0.97 -4.69 -0.13
C GLY A 32 -1.55 -5.50 1.02
N ASP A 33 -1.62 -4.85 2.17
CA ASP A 33 -2.03 -5.51 3.41
C ASP A 33 -3.26 -4.82 4.01
N SER A 34 -3.44 -4.92 5.32
CA SER A 34 -4.66 -4.36 5.91
C SER A 34 -4.74 -2.83 5.90
N TYR A 35 -3.62 -2.15 5.62
CA TYR A 35 -3.68 -0.67 5.47
C TYR A 35 -4.34 -0.35 4.13
N SER A 36 -4.45 -1.36 3.25
CA SER A 36 -5.09 -1.16 1.96
C SER A 36 -6.33 -1.98 1.70
N GLN A 37 -6.58 -3.03 2.46
CA GLN A 37 -7.69 -3.92 2.14
C GLN A 37 -9.03 -3.17 2.10
N THR A 38 -9.89 -3.61 1.22
CA THR A 38 -11.30 -3.19 1.25
C THR A 38 -12.27 -4.37 1.16
N GLY A 39 -11.78 -5.60 1.05
CA GLY A 39 -12.71 -6.72 0.89
C GLY A 39 -13.22 -6.92 -0.52
N PHE A 40 -12.56 -6.32 -1.49
CA PHE A 40 -12.93 -6.52 -2.91
C PHE A 40 -12.78 -7.97 -3.32
N SER A 41 -13.83 -8.54 -3.89
CA SER A 41 -13.78 -9.88 -4.44
C SER A 41 -13.72 -9.84 -5.95
N ALA A 42 -12.88 -10.71 -6.51
CA ALA A 42 -12.81 -10.79 -7.97
C ALA A 42 -14.07 -11.37 -8.57
N SER A 43 -14.93 -12.00 -7.77
CA SER A 43 -16.22 -12.49 -8.24
CA SER A 43 -16.21 -12.47 -8.27
C SER A 43 -17.37 -11.60 -7.79
N GLY A 44 -17.09 -10.50 -7.09
CA GLY A 44 -18.11 -9.53 -6.73
C GLY A 44 -18.36 -8.52 -7.86
N THR A 45 -19.25 -7.57 -7.61
CA THR A 45 -19.52 -6.55 -8.62
C THR A 45 -18.23 -5.89 -9.06
N GLN A 46 -18.03 -5.81 -10.43
CA GLN A 46 -16.76 -5.29 -10.90
C GLN A 46 -16.85 -3.77 -11.10
N PRO A 47 -15.69 -3.11 -11.10
CA PRO A 47 -15.68 -1.65 -11.20
C PRO A 47 -16.29 -1.15 -12.50
N SER A 48 -16.98 0.00 -12.40
CA SER A 48 -17.56 0.67 -13.56
C SER A 48 -17.63 2.15 -13.26
N ALA A 49 -18.02 2.94 -14.24
CA ALA A 49 -18.08 4.37 -14.02
C ALA A 49 -19.07 4.74 -12.93
N SER A 50 -20.16 3.98 -12.83
CA SER A 50 -21.18 4.27 -11.82
C SER A 50 -20.80 3.67 -10.47
N ASN A 51 -19.76 2.87 -10.45
CA ASN A 51 -19.40 2.08 -9.27
C ASN A 51 -17.91 1.80 -9.30
N PRO A 52 -17.09 2.84 -9.09
CA PRO A 52 -15.65 2.71 -9.35
C PRO A 52 -14.95 1.72 -8.46
N MET A 53 -15.44 1.46 -7.24
CA MET A 53 -14.79 0.49 -6.35
C MET A 53 -15.15 -0.97 -6.72
N GLY A 54 -16.24 -1.18 -7.46
CA GLY A 54 -16.75 -2.51 -7.79
C GLY A 54 -17.50 -3.06 -6.58
N ASN A 55 -16.73 -3.49 -5.56
CA ASN A 55 -17.32 -4.03 -4.35
C ASN A 55 -16.24 -4.05 -3.27
N PRO A 56 -16.63 -3.99 -2.00
CA PRO A 56 -17.96 -3.64 -1.50
C PRO A 56 -18.18 -2.15 -1.70
N ASP A 57 -19.26 -1.61 -1.13
CA ASP A 57 -19.48 -0.17 -1.16
C ASP A 57 -18.28 0.59 -0.63
N LEU A 58 -18.02 1.75 -1.23
CA LEU A 58 -17.01 2.69 -0.73
C LEU A 58 -17.21 2.91 0.75
N GLY A 59 -16.14 2.66 1.51
CA GLY A 59 -16.14 2.89 2.95
C GLY A 59 -16.38 1.64 3.77
N ILE A 60 -16.67 0.54 3.15
CA ILE A 60 -16.81 -0.77 3.78
C ILE A 60 -15.50 -1.54 3.62
N GLY A 61 -15.25 -2.46 4.55
CA GLY A 61 -14.19 -3.45 4.40
C GLY A 61 -12.82 -2.99 4.80
N THR A 62 -12.69 -1.82 5.38
CA THR A 62 -11.36 -1.27 5.65
C THR A 62 -11.02 -1.38 7.13
N THR A 63 -9.81 -0.93 7.46
CA THR A 63 -9.35 -0.79 8.84
C THR A 63 -9.33 0.67 9.27
N THR A 64 -10.34 1.48 8.85
CA THR A 64 -10.31 2.92 9.08
C THR A 64 -11.61 3.50 9.60
N ASN A 65 -12.70 2.72 9.61
CA ASN A 65 -14.06 3.14 9.90
C ASN A 65 -14.72 3.85 8.71
N GLY A 66 -14.07 3.93 7.57
CA GLY A 66 -14.65 4.57 6.40
C GLY A 66 -13.83 4.24 5.18
N PRO A 67 -13.78 5.14 4.20
CA PRO A 67 -12.86 4.90 3.10
C PRO A 67 -11.43 4.80 3.61
N ASN A 68 -10.57 4.15 2.81
CA ASN A 68 -9.14 4.19 3.07
C ASN A 68 -8.44 4.94 1.91
N TRP A 69 -7.10 4.95 1.92
CA TRP A 69 -6.40 5.80 0.97
C TRP A 69 -6.77 5.46 -0.47
N ILE A 70 -7.07 4.18 -0.75
CA ILE A 70 -7.43 3.78 -2.11
C ILE A 70 -8.83 4.29 -2.46
N GLY A 71 -9.77 4.17 -1.52
CA GLY A 71 -11.08 4.71 -1.75
C GLY A 71 -11.05 6.20 -1.97
N TYR A 72 -10.25 6.92 -1.18
CA TYR A 72 -10.14 8.36 -1.38
C TYR A 72 -9.44 8.69 -2.71
N LEU A 73 -8.35 7.98 -3.03
CA LEU A 73 -7.69 8.24 -4.33
C LEU A 73 -8.64 8.00 -5.49
N THR A 74 -9.51 7.01 -5.35
CA THR A 74 -10.36 6.56 -6.46
C THR A 74 -11.56 7.48 -6.63
N THR A 75 -12.14 7.95 -5.52
CA THR A 75 -13.41 8.62 -5.63
C THR A 75 -13.41 10.07 -5.17
N THR A 76 -12.42 10.49 -4.41
CA THR A 76 -12.34 11.87 -3.91
C THR A 76 -11.24 12.69 -4.55
N GLU A 77 -10.07 12.10 -4.72
CA GLU A 77 -8.91 12.84 -5.21
C GLU A 77 -8.72 12.65 -6.69
N ASN A 78 -9.60 11.88 -7.32
CA ASN A 78 -9.40 11.56 -8.72
C ASN A 78 -9.70 12.76 -9.60
N ALA A 79 -8.89 12.92 -10.63
CA ALA A 79 -9.06 13.99 -11.60
C ALA A 79 -9.85 13.54 -12.82
N SER A 80 -10.01 12.24 -12.99
CA SER A 80 -10.76 11.61 -14.06
C SER A 80 -11.23 10.26 -13.52
N LEU A 81 -11.86 9.46 -14.37
CA LEU A 81 -12.44 8.22 -13.87
C LEU A 81 -11.34 7.24 -13.52
N VAL A 82 -11.38 6.76 -12.28
CA VAL A 82 -10.46 5.74 -11.80
C VAL A 82 -11.30 4.55 -11.40
N LEU A 83 -10.88 3.35 -11.82
CA LEU A 83 -11.56 2.10 -11.49
C LEU A 83 -10.62 1.32 -10.60
N SER A 84 -11.09 0.93 -9.39
CA SER A 84 -10.25 0.32 -8.37
C SER A 84 -10.46 -1.20 -8.33
N TYR A 85 -9.38 -1.95 -8.54
CA TYR A 85 -9.37 -3.41 -8.41
C TYR A 85 -8.42 -3.70 -7.29
N ASN A 86 -8.94 -3.79 -6.07
CA ASN A 86 -8.08 -3.77 -4.88
C ASN A 86 -7.84 -5.17 -4.35
N LEU A 87 -6.65 -5.71 -4.62
CA LEU A 87 -6.34 -7.08 -4.26
C LEU A 87 -5.66 -7.20 -2.91
N ALA A 88 -5.46 -6.09 -2.20
CA ALA A 88 -4.82 -6.11 -0.87
C ALA A 88 -5.57 -7.00 0.12
N ALA A 89 -4.81 -7.71 0.96
CA ALA A 89 -5.38 -8.68 1.88
C ALA A 89 -4.80 -8.46 3.28
N GLY A 90 -5.64 -8.61 4.30
CA GLY A 90 -5.18 -8.35 5.66
C GLY A 90 -4.03 -9.27 6.05
N GLY A 91 -3.03 -8.70 6.76
CA GLY A 91 -1.94 -9.50 7.29
C GLY A 91 -0.86 -9.84 6.29
N ALA A 92 -1.03 -9.42 5.03
CA ALA A 92 -0.13 -9.87 3.97
C ALA A 92 1.31 -9.49 4.23
N THR A 93 2.18 -10.48 4.00
CA THR A 93 3.60 -10.27 3.80
C THR A 93 3.90 -10.40 2.29
N ILE A 94 5.17 -10.20 1.91
CA ILE A 94 5.53 -10.24 0.49
C ILE A 94 5.39 -11.66 -0.07
N ASP A 95 6.01 -12.62 0.61
CA ASP A 95 5.97 -14.00 0.11
C ASP A 95 6.19 -14.93 1.28
N ASN A 96 5.25 -15.87 1.47
CA ASN A 96 5.32 -16.76 2.61
C ASN A 96 6.55 -17.65 2.61
N ALA A 97 7.31 -17.68 1.50
CA ALA A 97 8.57 -18.40 1.51
C ALA A 97 9.67 -17.61 2.16
N LEU A 98 9.41 -16.32 2.42
CA LEU A 98 10.37 -15.45 3.09
C LEU A 98 9.85 -15.24 4.50
N VAL A 99 9.11 -14.16 4.77
CA VAL A 99 8.45 -13.96 6.06
C VAL A 99 7.00 -14.40 5.87
N PRO A 100 6.56 -15.46 6.53
CA PRO A 100 5.19 -15.96 6.29
C PRO A 100 4.22 -15.32 7.26
N ALA A 101 2.94 -15.33 6.88
CA ALA A 101 1.91 -14.93 7.83
C ALA A 101 0.57 -15.53 7.45
N TYR A 102 -0.03 -15.00 6.40
CA TYR A 102 -1.37 -15.40 5.97
C TYR A 102 -1.31 -15.89 4.53
N PRO A 103 -2.27 -16.73 4.14
CA PRO A 103 -2.26 -17.27 2.77
C PRO A 103 -2.22 -16.20 1.70
N GLY A 104 -2.95 -15.09 1.89
CA GLY A 104 -3.04 -14.05 0.91
C GLY A 104 -1.85 -13.09 0.89
N ASP A 105 -0.65 -13.67 0.75
CA ASP A 105 0.54 -12.82 0.68
C ASP A 105 0.55 -12.04 -0.62
N LEU A 106 1.53 -11.13 -0.76
CA LEU A 106 1.63 -10.36 -1.99
C LEU A 106 1.77 -11.28 -3.20
N ALA A 107 2.56 -12.35 -3.08
CA ALA A 107 2.70 -13.28 -4.20
C ALA A 107 1.32 -13.77 -4.64
N SER A 108 0.48 -14.15 -3.69
CA SER A 108 -0.86 -14.66 -4.02
CA SER A 108 -0.84 -14.68 -4.04
C SER A 108 -1.74 -13.59 -4.65
N GLN A 109 -1.56 -12.34 -4.24
CA GLN A 109 -2.32 -11.26 -4.87
C GLN A 109 -1.91 -11.09 -6.32
N PHE A 110 -0.60 -11.15 -6.59
CA PHE A 110 -0.17 -11.12 -7.98
C PHE A 110 -0.72 -12.30 -8.76
N ARG A 111 -0.80 -13.48 -8.13
CA ARG A 111 -1.36 -14.61 -8.85
CA ARG A 111 -1.37 -14.63 -8.83
C ARG A 111 -2.84 -14.40 -9.15
N LEU A 112 -3.57 -13.80 -8.20
CA LEU A 112 -4.98 -13.50 -8.49
C LEU A 112 -5.05 -12.53 -9.68
N PHE A 113 -4.18 -11.52 -9.67
CA PHE A 113 -4.13 -10.61 -10.83
C PHE A 113 -3.83 -11.39 -12.12
N GLU A 114 -2.82 -12.28 -12.08
CA GLU A 114 -2.46 -13.02 -13.30
C GLU A 114 -3.63 -13.89 -13.76
N ASP A 115 -4.38 -14.44 -12.81
CA ASP A 115 -5.49 -15.33 -13.14
C ASP A 115 -6.66 -14.59 -13.77
N VAL A 116 -6.93 -13.36 -13.34
CA VAL A 116 -8.21 -12.73 -13.61
C VAL A 116 -8.09 -11.52 -14.53
N TYR A 117 -7.05 -10.70 -14.34
CA TYR A 117 -7.01 -9.40 -15.01
C TYR A 117 -5.81 -9.21 -15.91
N ALA A 118 -4.75 -10.02 -15.75
CA ALA A 118 -3.53 -9.74 -16.50
C ALA A 118 -3.75 -9.78 -18.01
N ASP A 119 -4.65 -10.65 -18.49
CA ASP A 119 -4.89 -10.79 -19.91
C ASP A 119 -5.90 -9.80 -20.46
N LYS A 120 -6.19 -8.74 -19.69
CA LYS A 120 -6.97 -7.60 -20.18
C LYS A 120 -8.36 -8.05 -20.66
N PRO A 121 -9.15 -8.66 -19.77
CA PRO A 121 -10.49 -9.11 -20.15
C PRO A 121 -11.40 -7.93 -20.40
N ALA A 122 -12.58 -8.24 -20.95
CA ALA A 122 -13.54 -7.20 -21.26
C ALA A 122 -13.92 -6.39 -20.02
N SER A 123 -13.90 -7.02 -18.85
CA SER A 123 -14.25 -6.33 -17.62
C SER A 123 -13.17 -5.35 -17.17
N ALA A 124 -11.95 -5.45 -17.69
CA ALA A 124 -10.86 -4.58 -17.29
C ALA A 124 -9.89 -4.52 -18.46
N PRO A 125 -10.30 -3.89 -19.55
CA PRO A 125 -9.51 -3.92 -20.80
C PRO A 125 -8.40 -2.88 -20.80
N TRP A 126 -7.43 -3.10 -19.90
CA TRP A 126 -6.41 -2.09 -19.61
C TRP A 126 -5.27 -2.16 -20.63
N SER A 127 -4.46 -1.11 -20.63
CA SER A 127 -3.33 -0.97 -21.52
CA SER A 127 -3.33 -0.94 -21.53
C SER A 127 -2.21 -0.28 -20.76
N ALA A 128 -1.02 -0.26 -21.36
CA ALA A 128 0.10 0.37 -20.67
C ALA A 128 -0.19 1.82 -20.34
N GLU A 129 -0.94 2.50 -21.22
CA GLU A 129 -1.19 3.93 -21.04
C GLU A 129 -2.21 4.25 -19.97
N ASP A 130 -3.00 3.28 -19.50
CA ASP A 130 -4.07 3.64 -18.59
C ASP A 130 -4.17 2.74 -17.36
N ALA A 131 -3.19 1.87 -17.12
CA ALA A 131 -3.20 1.03 -15.93
C ALA A 131 -2.13 1.52 -14.97
N VAL A 132 -2.50 1.59 -13.71
CA VAL A 132 -1.61 2.00 -12.63
C VAL A 132 -1.58 0.88 -11.60
N PHE A 133 -0.38 0.42 -11.25
CA PHE A 133 -0.23 -0.69 -10.32
C PHE A 133 0.35 -0.14 -9.03
N GLY A 134 -0.45 -0.16 -7.96
CA GLY A 134 -0.06 0.40 -6.68
C GLY A 134 0.25 -0.72 -5.71
N VAL A 135 1.39 -0.60 -5.01
CA VAL A 135 1.80 -1.63 -4.06
C VAL A 135 2.16 -0.98 -2.74
N TRP A 136 1.53 -1.43 -1.65
CA TRP A 136 1.88 -0.98 -0.31
C TRP A 136 2.11 -2.22 0.54
N ILE A 137 3.36 -2.62 0.66
CA ILE A 137 3.69 -3.87 1.37
C ILE A 137 4.96 -3.65 2.20
N GLY A 138 5.12 -4.45 3.24
CA GLY A 138 6.34 -4.43 4.04
C GLY A 138 6.04 -4.22 5.51
N ILE A 139 4.88 -3.59 5.80
CA ILE A 139 4.54 -3.40 7.21
C ILE A 139 4.62 -4.72 7.98
N ASN A 140 3.99 -5.77 7.46
CA ASN A 140 3.97 -7.02 8.22
C ASN A 140 5.24 -7.82 8.09
N ASP A 141 5.96 -7.72 6.97
CA ASP A 141 7.28 -8.34 6.86
C ASP A 141 8.19 -7.83 7.96
N ILE A 142 8.24 -6.50 8.11
CA ILE A 142 9.04 -5.89 9.17
C ILE A 142 8.46 -6.23 10.54
N GLY A 143 7.12 -6.12 10.70
CA GLY A 143 6.51 -6.35 11.99
C GLY A 143 6.79 -7.76 12.49
N ASN A 144 6.88 -8.72 11.59
CA ASN A 144 7.09 -10.12 11.98
C ASN A 144 8.55 -10.52 12.05
N ALA A 145 9.47 -9.77 11.42
CA ALA A 145 10.83 -10.25 11.34
C ALA A 145 11.90 -9.27 11.80
N TYR A 146 11.52 -8.06 12.30
CA TYR A 146 12.51 -7.06 12.67
C TYR A 146 13.45 -7.53 13.78
N TYR A 147 13.04 -8.50 14.63
CA TYR A 147 13.96 -8.88 15.71
C TYR A 147 14.72 -10.17 15.43
N SER A 148 14.36 -10.88 14.37
CA SER A 148 14.87 -12.22 14.12
C SER A 148 15.72 -12.30 12.88
N THR A 149 15.85 -11.21 12.13
CA THR A 149 16.62 -11.20 10.91
C THR A 149 17.51 -9.97 10.92
N ASP A 150 18.54 -10.02 10.09
CA ASP A 150 19.47 -8.92 9.93
C ASP A 150 18.99 -8.03 8.77
N ALA A 151 18.61 -6.79 9.08
CA ALA A 151 17.99 -5.94 8.06
C ALA A 151 18.89 -5.79 6.85
N GLU A 152 20.20 -5.57 7.07
CA GLU A 152 21.07 -5.26 5.93
CA GLU A 152 21.09 -5.28 5.95
C GLU A 152 21.15 -6.43 4.95
N THR A 153 21.16 -7.68 5.43
CA THR A 153 21.25 -8.80 4.47
C THR A 153 19.89 -9.42 4.16
N TYR A 154 18.90 -9.26 5.05
CA TYR A 154 17.60 -9.89 4.81
C TYR A 154 16.68 -9.00 4.00
N THR A 155 16.62 -7.69 4.24
CA THR A 155 15.66 -6.90 3.48
C THR A 155 15.94 -6.87 1.96
N PRO A 156 17.18 -6.99 1.48
CA PRO A 156 17.35 -7.14 0.03
C PRO A 156 16.64 -8.37 -0.52
N LYS A 157 16.48 -9.43 0.27
CA LYS A 157 15.75 -10.59 -0.23
C LYS A 157 14.28 -10.27 -0.41
N LEU A 158 13.66 -9.62 0.59
CA LEU A 158 12.27 -9.17 0.49
C LEU A 158 12.09 -8.25 -0.72
N ILE A 159 12.97 -7.26 -0.85
CA ILE A 159 12.85 -6.29 -1.94
C ILE A 159 13.06 -6.97 -3.28
N SER A 160 13.97 -7.93 -3.37
CA SER A 160 14.19 -8.62 -4.65
C SER A 160 12.93 -9.41 -5.02
N ARG A 161 12.29 -10.04 -4.01
CA ARG A 161 11.07 -10.77 -4.34
C ARG A 161 9.96 -9.83 -4.79
N LEU A 162 9.83 -8.67 -4.11
CA LEU A 162 8.89 -7.66 -4.58
C LEU A 162 9.17 -7.30 -6.03
N GLU A 163 10.44 -7.12 -6.37
CA GLU A 163 10.79 -6.71 -7.72
C GLU A 163 10.39 -7.78 -8.72
N SER A 164 10.59 -9.05 -8.38
CA SER A 164 10.24 -10.13 -9.32
CA SER A 164 10.23 -10.09 -9.34
C SER A 164 8.73 -10.19 -9.52
N LEU A 165 7.95 -9.89 -8.47
CA LEU A 165 6.50 -9.83 -8.65
C LEU A 165 6.15 -8.67 -9.59
N VAL A 166 6.76 -7.51 -9.37
CA VAL A 166 6.55 -6.36 -10.26
C VAL A 166 6.89 -6.74 -11.69
N GLU A 167 7.94 -7.52 -11.88
CA GLU A 167 8.30 -7.93 -13.25
C GLU A 167 7.19 -8.73 -13.92
N GLU A 168 6.39 -9.49 -13.15
CA GLU A 168 5.30 -10.24 -13.78
C GLU A 168 4.30 -9.29 -14.44
N VAL A 169 3.93 -8.22 -13.73
CA VAL A 169 3.03 -7.22 -14.30
C VAL A 169 3.71 -6.51 -15.45
N TYR A 170 5.01 -6.24 -15.34
CA TYR A 170 5.72 -5.62 -16.45
C TYR A 170 5.61 -6.49 -17.70
N LYS A 171 5.74 -7.81 -17.51
CA LYS A 171 5.68 -8.71 -18.65
C LYS A 171 4.28 -8.71 -19.26
N ASN A 172 3.25 -8.50 -18.41
CA ASN A 172 1.87 -8.38 -18.90
C ASN A 172 1.65 -7.11 -19.71
N GLY A 173 2.55 -6.12 -19.63
CA GLY A 173 2.36 -4.86 -20.32
C GLY A 173 2.18 -3.68 -19.38
N GLY A 174 2.28 -3.88 -18.07
CA GLY A 174 2.14 -2.76 -17.14
C GLY A 174 3.36 -1.86 -17.15
N ARG A 175 3.11 -0.57 -17.13
CA ARG A 175 4.18 0.42 -17.21
C ARG A 175 4.10 1.55 -16.22
N LYS A 176 3.02 1.70 -15.45
CA LYS A 176 2.88 2.80 -14.50
C LYS A 176 2.73 2.18 -13.13
N PHE A 177 3.61 2.55 -12.21
CA PHE A 177 3.70 1.91 -10.90
C PHE A 177 3.77 2.94 -9.79
N LEU A 178 3.09 2.64 -8.70
CA LEU A 178 3.07 3.44 -7.50
C LEU A 178 3.50 2.56 -6.35
N PHE A 179 4.56 2.93 -5.65
CA PHE A 179 5.04 2.19 -4.49
C PHE A 179 4.95 3.12 -3.29
N LEU A 180 4.37 2.63 -2.19
CA LEU A 180 4.34 3.39 -0.95
C LEU A 180 5.38 2.77 -0.02
N ASN A 181 6.25 3.59 0.56
CA ASN A 181 7.17 2.99 1.51
C ASN A 181 6.43 2.73 2.83
N VAL A 182 7.14 2.10 3.74
CA VAL A 182 6.49 1.63 4.97
C VAL A 182 6.38 2.78 5.96
N PRO A 183 5.20 3.02 6.53
CA PRO A 183 5.03 4.13 7.48
C PRO A 183 5.53 3.74 8.86
N PRO A 184 5.65 4.71 9.77
CA PRO A 184 6.23 4.44 11.10
C PRO A 184 5.29 3.67 12.02
N THR A 185 5.02 2.41 11.69
CA THR A 185 4.20 1.58 12.56
C THR A 185 4.95 1.28 13.85
N SER A 186 6.25 1.58 13.90
CA SER A 186 7.02 1.56 15.13
C SER A 186 6.38 2.42 16.21
N ARG A 187 5.61 3.45 15.81
CA ARG A 187 4.98 4.38 16.75
C ARG A 187 3.47 4.18 16.85
N SER A 188 2.95 3.09 16.30
CA SER A 188 1.59 2.68 16.62
C SER A 188 1.53 2.32 18.09
N PRO A 189 0.38 2.46 18.71
CA PRO A 189 0.25 2.04 20.13
C PRO A 189 0.72 0.61 20.37
N LEU A 190 0.46 -0.28 19.40
CA LEU A 190 0.85 -1.70 19.57
C LEU A 190 2.35 -1.82 19.81
N PHE A 191 3.16 -1.05 19.09
CA PHE A 191 4.59 -1.12 19.29
C PHE A 191 5.05 -0.23 20.41
N LEU A 192 4.41 0.95 20.60
CA LEU A 192 4.81 1.79 21.72
C LEU A 192 4.74 1.04 23.04
N GLU A 193 3.69 0.23 23.22
CA GLU A 193 3.56 -0.49 24.48
C GLU A 193 4.62 -1.58 24.68
N GLN A 194 5.40 -1.92 23.66
CA GLN A 194 6.42 -2.93 23.84
C GLN A 194 7.73 -2.35 24.35
N GLY A 195 7.80 -1.02 24.45
CA GLY A 195 8.93 -0.36 25.06
C GLY A 195 9.73 0.39 24.00
N GLU A 196 10.42 1.42 24.45
CA GLU A 196 11.11 2.29 23.52
CA GLU A 196 11.12 2.29 23.50
C GLU A 196 12.24 1.56 22.78
N GLU A 197 12.87 0.57 23.41
CA GLU A 197 13.97 -0.06 22.68
C GLU A 197 13.42 -0.98 21.60
N VAL A 198 12.20 -1.50 21.77
CA VAL A 198 11.57 -2.26 20.69
C VAL A 198 11.13 -1.33 19.58
N VAL A 199 10.53 -0.19 19.93
CA VAL A 199 10.23 0.82 18.94
C VAL A 199 11.47 1.11 18.11
N LYS A 200 12.61 1.28 18.79
CA LYS A 200 13.83 1.67 18.10
C LYS A 200 14.33 0.54 17.21
N GLN A 201 14.28 -0.72 17.71
CA GLN A 201 14.75 -1.86 16.93
C GLN A 201 13.91 -2.01 15.68
N HIS A 202 12.60 -1.89 15.84
CA HIS A 202 11.68 -1.95 14.70
C HIS A 202 11.94 -0.80 13.73
N ALA A 203 12.05 0.42 14.26
CA ALA A 203 12.24 1.59 13.41
C ALA A 203 13.55 1.49 12.62
N GLU A 204 14.62 1.01 13.25
CA GLU A 204 15.90 0.95 12.53
C GLU A 204 15.85 -0.08 11.42
N TYR A 205 15.18 -1.22 11.69
CA TYR A 205 15.00 -2.22 10.63
C TYR A 205 14.21 -1.64 9.48
N LEU A 206 13.14 -0.95 9.82
CA LEU A 206 12.22 -0.40 8.82
C LEU A 206 12.95 0.61 7.96
N SER A 207 13.80 1.42 8.56
CA SER A 207 14.53 2.39 7.77
CA SER A 207 14.53 2.40 7.76
CA SER A 207 14.53 2.40 7.76
C SER A 207 15.38 1.71 6.69
N VAL A 208 16.04 0.60 7.05
CA VAL A 208 16.83 -0.14 6.06
C VAL A 208 15.95 -0.68 4.94
N TYR A 209 14.81 -1.28 5.32
CA TYR A 209 13.86 -1.74 4.30
C TYR A 209 13.49 -0.61 3.34
N ASN A 210 13.13 0.56 3.89
CA ASN A 210 12.67 1.64 3.01
C ASN A 210 13.78 2.14 2.11
N GLU A 211 15.02 2.20 2.62
CA GLU A 211 16.15 2.59 1.76
C GLU A 211 16.30 1.61 0.61
N ASN A 212 16.21 0.31 0.92
CA ASN A 212 16.35 -0.67 -0.16
C ASN A 212 15.17 -0.65 -1.12
N LEU A 213 13.97 -0.34 -0.63
CA LEU A 213 12.82 -0.19 -1.50
C LEU A 213 13.08 0.94 -2.48
N GLU A 214 13.55 2.08 -1.97
CA GLU A 214 13.82 3.22 -2.84
C GLU A 214 14.84 2.88 -3.91
N GLY A 215 15.92 2.21 -3.51
CA GLY A 215 16.95 1.82 -4.46
C GLY A 215 16.41 0.90 -5.53
N MET A 216 15.54 -0.02 -5.13
CA MET A 216 14.92 -0.93 -6.12
C MET A 216 14.09 -0.09 -7.09
N VAL A 217 13.19 0.74 -6.56
CA VAL A 217 12.31 1.47 -7.48
C VAL A 217 13.12 2.33 -8.44
N ASP A 218 14.19 2.96 -7.93
CA ASP A 218 15.07 3.75 -8.79
C ASP A 218 15.73 2.85 -9.85
N ASP A 219 16.30 1.72 -9.43
CA ASP A 219 16.96 0.84 -10.39
C ASP A 219 16.00 0.29 -11.42
N PHE A 220 14.80 -0.11 -10.99
CA PHE A 220 13.80 -0.62 -11.91
C PHE A 220 13.44 0.44 -12.94
N THR A 221 13.16 1.66 -12.47
CA THR A 221 12.77 2.75 -13.34
C THR A 221 13.84 3.01 -14.38
N LYS A 222 15.11 3.06 -13.95
CA LYS A 222 16.19 3.39 -14.89
C LYS A 222 16.43 2.24 -15.87
N LYS A 223 16.43 1.01 -15.36
CA LYS A 223 16.73 -0.17 -16.18
C LYS A 223 15.68 -0.37 -17.28
N LYS A 224 14.38 -0.21 -16.93
CA LYS A 224 13.33 -0.43 -17.93
C LYS A 224 13.29 0.72 -18.94
N GLY A 225 13.41 1.95 -18.45
CA GLY A 225 13.46 3.12 -19.32
C GLY A 225 12.11 3.56 -19.86
N ASP A 226 11.08 2.71 -19.77
CA ASP A 226 9.79 3.02 -20.35
C ASP A 226 8.68 2.92 -19.31
N VAL A 227 9.01 3.10 -18.03
CA VAL A 227 8.00 3.06 -16.97
C VAL A 227 7.88 4.43 -16.35
N THR A 228 6.70 4.68 -15.79
CA THR A 228 6.43 5.89 -15.01
C THR A 228 6.24 5.40 -13.58
N THR A 229 7.08 5.86 -12.65
CA THR A 229 7.00 5.35 -11.29
C THR A 229 6.89 6.50 -10.29
N VAL A 230 6.20 6.22 -9.20
CA VAL A 230 6.15 7.10 -8.04
C VAL A 230 6.49 6.29 -6.81
N LEU A 231 7.43 6.79 -6.03
CA LEU A 231 7.71 6.25 -4.70
C LEU A 231 7.15 7.29 -3.74
N TYR A 232 6.05 6.92 -3.06
CA TYR A 232 5.38 7.82 -2.13
C TYR A 232 5.93 7.58 -0.75
N ASP A 233 6.49 8.65 -0.15
CA ASP A 233 7.14 8.54 1.15
C ASP A 233 6.06 8.72 2.22
N SER A 234 5.31 7.63 2.46
CA SER A 234 4.31 7.68 3.53
C SER A 234 5.00 7.80 4.87
N TRP A 235 6.25 7.34 4.96
CA TRP A 235 6.94 7.38 6.24
C TRP A 235 7.10 8.80 6.72
N SER A 236 7.61 9.69 5.84
CA SER A 236 7.79 11.08 6.27
C SER A 236 6.46 11.78 6.52
N PHE A 237 5.41 11.44 5.75
CA PHE A 237 4.13 12.12 5.92
C PHE A 237 3.51 11.76 7.26
N MET A 238 3.37 10.45 7.52
CA MET A 238 2.87 10.04 8.84
C MET A 238 3.72 10.60 9.94
N THR A 239 5.05 10.55 9.80
CA THR A 239 5.92 11.04 10.85
C THR A 239 5.64 12.51 11.17
N LYS A 240 5.41 13.33 10.15
CA LYS A 240 5.06 14.74 10.36
C LYS A 240 3.84 14.86 11.24
N ILE A 241 2.81 14.05 10.94
CA ILE A 241 1.60 14.14 11.77
C ILE A 241 1.86 13.64 13.18
N LEU A 242 2.55 12.51 13.32
CA LEU A 242 2.86 12.00 14.66
C LEU A 242 3.65 12.99 15.47
N ASP A 243 4.54 13.75 14.82
CA ASP A 243 5.37 14.72 15.50
C ASP A 243 4.63 16.00 15.87
N ASP A 244 3.52 16.29 15.23
CA ASP A 244 2.78 17.55 15.50
C ASP A 244 1.31 17.28 15.27
N PRO A 245 0.72 16.40 16.06
CA PRO A 245 -0.64 15.93 15.73
C PRO A 245 -1.69 17.03 15.76
N THR A 246 -1.52 18.04 16.63
CA THR A 246 -2.56 19.05 16.77
C THR A 246 -2.61 19.94 15.54
N ALA A 247 -1.53 20.00 14.77
CA ALA A 247 -1.53 20.79 13.55
C ALA A 247 -2.45 20.16 12.52
N TYR A 248 -2.78 18.89 12.70
CA TYR A 248 -3.63 18.16 11.80
C TYR A 248 -4.99 17.89 12.42
N GLY A 249 -5.27 18.46 13.58
CA GLY A 249 -6.56 18.32 14.23
C GLY A 249 -6.68 17.11 15.11
N PHE A 250 -5.60 16.45 15.40
CA PHE A 250 -5.62 15.32 16.32
C PHE A 250 -5.13 15.77 17.67
N PRO A 251 -5.70 15.25 18.77
CA PRO A 251 -5.33 15.77 20.09
C PRO A 251 -3.95 15.32 20.53
N ASP A 252 -3.48 14.17 20.06
CA ASP A 252 -2.16 13.65 20.41
C ASP A 252 -1.81 12.60 19.39
N ALA A 253 -0.63 11.98 19.55
CA ALA A 253 -0.22 11.02 18.53
C ALA A 253 -0.48 9.58 18.95
N THR A 254 -1.13 9.36 20.09
CA THR A 254 -1.24 8.02 20.66
C THR A 254 -2.65 7.54 20.91
N CYS A 255 -3.64 8.43 20.97
CA CYS A 255 -4.97 7.97 21.33
C CYS A 255 -5.55 7.12 20.19
N ILE A 256 -6.49 6.26 20.58
CA ILE A 256 -7.18 5.34 19.68
C ILE A 256 -8.66 5.66 19.74
N ASN A 257 -9.31 5.68 18.58
CA ASN A 257 -10.75 5.86 18.52
C ASN A 257 -11.26 5.20 17.25
N ASP A 258 -12.17 4.26 17.40
CA ASP A 258 -12.58 3.56 16.20
C ASP A 258 -13.61 4.36 15.40
N ASP A 259 -13.92 5.62 15.77
CA ASP A 259 -14.64 6.45 14.82
C ASP A 259 -13.75 6.84 13.65
N GLY A 260 -12.44 6.57 13.74
CA GLY A 260 -11.52 6.81 12.65
C GLY A 260 -11.14 8.26 12.44
N THR A 261 -11.73 9.20 13.19
CA THR A 261 -11.42 10.61 12.97
C THR A 261 -10.96 11.34 14.20
N SER A 262 -11.32 10.86 15.41
CA SER A 262 -10.97 11.62 16.61
C SER A 262 -9.50 11.48 16.96
N CYS A 263 -8.88 10.38 16.56
CA CYS A 263 -7.48 10.05 16.83
C CYS A 263 -6.80 9.64 15.53
N ILE A 264 -5.47 9.66 15.53
CA ILE A 264 -4.73 9.10 14.40
C ILE A 264 -5.11 7.63 14.22
N TRP A 265 -5.24 6.91 15.34
CA TRP A 265 -5.32 5.44 15.33
C TRP A 265 -6.78 4.98 15.45
N TRP A 266 -7.16 4.08 14.55
CA TRP A 266 -8.48 3.47 14.59
C TRP A 266 -8.51 2.32 15.59
N ASP A 267 -7.43 1.55 15.62
CA ASP A 267 -7.17 0.61 16.71
C ASP A 267 -5.68 0.71 17.01
N ASN A 268 -5.12 -0.24 17.77
CA ASN A 268 -3.74 0.01 18.19
C ASN A 268 -2.69 -0.17 17.09
N TYR A 269 -3.08 -0.51 15.87
CA TYR A 269 -2.10 -0.83 14.85
C TYR A 269 -2.46 -0.26 13.49
N HIS A 270 -3.59 0.44 13.35
CA HIS A 270 -4.05 0.94 12.06
C HIS A 270 -4.56 2.36 12.23
N PRO A 271 -4.23 3.25 11.30
CA PRO A 271 -4.76 4.61 11.34
C PRO A 271 -6.16 4.71 10.75
N GLY A 272 -6.87 5.76 11.15
CA GLY A 272 -8.28 5.88 10.81
C GLY A 272 -8.49 6.63 9.50
N MET A 273 -9.78 6.80 9.15
CA MET A 273 -10.09 7.36 7.84
C MET A 273 -9.56 8.78 7.72
N LYS A 274 -9.58 9.54 8.80
CA LYS A 274 -9.06 10.91 8.70
C LYS A 274 -7.60 10.91 8.28
N TYR A 275 -6.76 10.08 8.92
CA TYR A 275 -5.39 9.94 8.48
C TYR A 275 -5.33 9.53 7.01
N HIS A 276 -6.09 8.50 6.61
CA HIS A 276 -6.05 8.05 5.22
C HIS A 276 -6.44 9.16 4.24
N LEU A 277 -7.43 9.99 4.61
CA LEU A 277 -7.79 11.10 3.74
C LEU A 277 -6.64 12.09 3.63
N LEU A 278 -6.03 12.44 4.76
CA LEU A 278 -4.89 13.35 4.73
C LEU A 278 -3.77 12.79 3.84
N GLN A 279 -3.54 11.48 3.94
CA GLN A 279 -2.50 10.88 3.11
C GLN A 279 -2.90 10.94 1.65
N ALA A 280 -4.14 10.59 1.34
CA ALA A 280 -4.57 10.66 -0.06
C ALA A 280 -4.43 12.08 -0.62
N GLU A 281 -4.76 13.09 0.20
CA GLU A 281 -4.62 14.47 -0.24
C GLU A 281 -3.16 14.82 -0.44
N ASP A 282 -2.29 14.31 0.42
CA ASP A 282 -0.87 14.53 0.23
C ASP A 282 -0.37 13.84 -1.04
N MET A 283 -0.93 12.66 -1.33
CA MET A 283 -0.47 11.91 -2.50
C MET A 283 -0.91 12.53 -3.81
N LYS A 284 -2.10 13.12 -3.87
CA LYS A 284 -2.67 13.53 -5.16
C LYS A 284 -1.69 14.24 -6.11
N PRO A 285 -1.03 15.33 -5.67
CA PRO A 285 -0.13 16.03 -6.61
C PRO A 285 1.02 15.14 -7.07
N LYS A 286 1.47 14.24 -6.20
CA LYS A 286 2.56 13.34 -6.54
C LYS A 286 2.13 12.27 -7.53
N LEU A 287 0.81 12.04 -7.69
CA LEU A 287 0.30 11.02 -8.59
C LEU A 287 -0.14 11.58 -9.93
N ARG A 288 -0.08 12.89 -10.11
CA ARG A 288 -0.48 13.48 -11.40
C ARG A 288 0.16 12.78 -12.60
N LYS A 289 1.45 12.44 -12.49
CA LYS A 289 2.12 11.79 -13.61
C LYS A 289 1.61 10.37 -13.91
N LEU A 290 0.81 9.79 -13.02
CA LEU A 290 0.28 8.45 -13.25
C LEU A 290 -1.06 8.46 -13.98
N GLY A 291 -1.72 9.61 -14.11
CA GLY A 291 -2.80 9.75 -15.08
C GLY A 291 -4.20 9.87 -14.53
N GLY A 292 -4.41 9.60 -13.25
CA GLY A 292 -5.75 9.59 -12.69
C GLY A 292 -6.01 10.73 -11.71
N TRP A 293 -5.02 11.59 -11.54
CA TRP A 293 -5.00 12.52 -10.40
C TRP A 293 -4.56 13.92 -10.79
#